data_1V3Q
#
_entry.id   1V3Q
#
_cell.length_a   141.330
_cell.length_b   141.330
_cell.length_c   161.450
_cell.angle_alpha   90.00
_cell.angle_beta   90.00
_cell.angle_gamma   120.00
#
_symmetry.space_group_name_H-M   'H 3 2'
#
loop_
_entity.id
_entity.type
_entity.pdbx_description
1 polymer 'Purine nucleoside phosphorylase'
2 non-polymer 'SULFATE ION'
3 non-polymer 9-[(2R,5R)-5-(HYDROXYMETHYL)TETRAHYDROFURAN-2-YL]-1,9-DIHYDRO-6H-PURIN-6-ONE
4 water water
#
_entity_poly.entity_id   1
_entity_poly.type   'polypeptide(L)'
_entity_poly.pdbx_seq_one_letter_code
;ENGYTYEDYKNTAEWLLSHTKHRPQVAIICGSGLGGLTDKLTQAQIFDYSEIPNFPRSTVPGHAGRLVFGFLNGRACVMM
QGRFHMYEGYPLWKVTFPVRVFHLLGVDTLVVTNAAGGLNPKFEVGDIMLIRDHINLPGFSGQNPLRGPNDERFGDRFPA
MSDAYDRTMRQRALSTWKQMGEQRELQEGTYVMVAGPSFETVAECRVLQKLGADAVGMSTVPEVIVARHCGLRVFGFSLI
TNKVIMDYESLEKANHEEVLAAGKQAAQKLEQFVSILMASIPLPDKAS
;
_entity_poly.pdbx_strand_id   E
#
# COMPACT_ATOMS: atom_id res chain seq x y z
N GLU A 1 -14.44 7.71 11.73
CA GLU A 1 -13.82 8.09 10.43
C GLU A 1 -14.04 9.60 10.13
N ASN A 2 -14.06 10.42 11.19
CA ASN A 2 -14.28 11.88 11.10
C ASN A 2 -14.12 12.47 9.70
N GLY A 3 -14.99 13.41 9.33
CA GLY A 3 -14.91 13.98 8.01
C GLY A 3 -16.00 13.43 7.12
N TYR A 4 -15.97 12.13 6.78
CA TYR A 4 -17.00 11.54 5.91
C TYR A 4 -18.04 10.76 6.71
N THR A 5 -19.15 10.41 6.07
CA THR A 5 -20.20 9.61 6.74
C THR A 5 -20.39 8.34 5.93
N TYR A 6 -21.15 7.38 6.46
CA TYR A 6 -21.37 6.13 5.74
C TYR A 6 -21.89 6.46 4.36
N GLU A 7 -23.00 7.20 4.34
CA GLU A 7 -23.60 7.58 3.09
C GLU A 7 -22.65 8.26 2.12
N ASP A 8 -21.61 8.95 2.60
CA ASP A 8 -20.64 9.59 1.68
C ASP A 8 -19.94 8.44 0.98
N TYR A 9 -19.59 7.41 1.74
CA TYR A 9 -18.94 6.24 1.16
C TYR A 9 -19.93 5.52 0.21
N LYS A 10 -21.14 5.27 0.68
CA LYS A 10 -22.15 4.63 -0.16
C LYS A 10 -22.28 5.42 -1.46
N ASN A 11 -22.62 6.70 -1.37
CA ASN A 11 -22.78 7.55 -2.54
C ASN A 11 -21.61 7.53 -3.49
N THR A 12 -20.39 7.31 -3.01
CA THR A 12 -19.23 7.27 -3.92
C THR A 12 -19.07 5.88 -4.54
N ALA A 13 -19.33 4.83 -3.74
CA ALA A 13 -19.22 3.43 -4.17
C ALA A 13 -20.22 3.24 -5.29
N GLU A 14 -21.47 3.55 -4.98
CA GLU A 14 -22.54 3.47 -5.96
C GLU A 14 -22.16 4.27 -7.21
N TRP A 15 -21.76 5.54 -7.07
CA TRP A 15 -21.37 6.36 -8.24
C TRP A 15 -20.38 5.61 -9.10
N LEU A 16 -19.41 4.97 -8.46
CA LEU A 16 -18.39 4.21 -9.17
C LEU A 16 -19.06 3.05 -9.90
N LEU A 17 -19.93 2.33 -9.21
CA LEU A 17 -20.66 1.22 -9.78
C LEU A 17 -21.35 1.69 -11.05
N SER A 18 -22.35 2.55 -10.90
CA SER A 18 -23.10 3.06 -12.04
C SER A 18 -22.26 3.90 -13.05
N HIS A 19 -20.93 3.81 -13.00
CA HIS A 19 -20.10 4.54 -13.95
C HIS A 19 -19.00 3.68 -14.51
N THR A 20 -19.02 2.41 -14.10
CA THR A 20 -18.07 1.42 -14.59
C THR A 20 -18.84 0.13 -14.59
N LYS A 21 -18.44 -0.79 -15.45
CA LYS A 21 -19.12 -2.09 -15.54
C LYS A 21 -18.35 -3.11 -14.72
N HIS A 22 -17.16 -2.69 -14.30
CA HIS A 22 -16.26 -3.53 -13.50
C HIS A 22 -16.65 -3.62 -12.05
N ARG A 23 -16.62 -4.83 -11.53
CA ARG A 23 -16.91 -5.07 -10.15
C ARG A 23 -15.59 -5.67 -9.67
N PRO A 24 -14.64 -4.82 -9.26
CA PRO A 24 -13.33 -5.26 -8.80
C PRO A 24 -13.37 -6.18 -7.59
N GLN A 25 -12.33 -7.01 -7.46
CA GLN A 25 -12.20 -7.93 -6.34
C GLN A 25 -10.95 -7.59 -5.56
N VAL A 26 -9.87 -7.30 -6.29
CA VAL A 26 -8.64 -6.94 -5.64
C VAL A 26 -8.33 -5.47 -5.93
N ALA A 27 -8.06 -4.70 -4.88
CA ALA A 27 -7.72 -3.28 -5.03
C ALA A 27 -6.23 -3.20 -4.82
N ILE A 28 -5.51 -2.56 -5.72
CA ILE A 28 -4.07 -2.44 -5.58
C ILE A 28 -3.65 -0.97 -5.49
N ILE A 29 -2.93 -0.63 -4.42
CA ILE A 29 -2.47 0.74 -4.22
C ILE A 29 -0.96 0.69 -4.44
N CYS A 30 -0.54 1.34 -5.53
CA CYS A 30 0.84 1.37 -5.97
C CYS A 30 1.65 2.46 -5.31
N GLY A 31 2.84 2.11 -4.83
CA GLY A 31 3.69 3.09 -4.19
C GLY A 31 4.46 3.84 -5.25
N SER A 32 5.40 4.70 -4.82
CA SER A 32 6.22 5.50 -5.73
C SER A 32 6.91 4.69 -6.81
N GLY A 33 6.83 5.19 -8.04
CA GLY A 33 7.46 4.56 -9.20
C GLY A 33 7.09 3.13 -9.55
N LEU A 34 6.07 2.59 -8.89
CA LEU A 34 5.64 1.22 -9.12
C LEU A 34 4.23 1.28 -9.71
N GLY A 35 3.88 2.47 -10.16
CA GLY A 35 2.57 2.71 -10.75
C GLY A 35 2.49 2.22 -12.18
N GLY A 36 3.61 1.73 -12.71
CA GLY A 36 3.63 1.20 -14.06
C GLY A 36 2.66 0.04 -14.19
N LEU A 37 2.34 -0.61 -13.06
CA LEU A 37 1.40 -1.73 -13.04
C LEU A 37 0.15 -1.41 -13.81
N THR A 38 -0.29 -0.17 -13.77
CA THR A 38 -1.49 0.23 -14.49
C THR A 38 -1.43 -0.24 -15.96
N ASP A 39 -0.25 -0.09 -16.58
CA ASP A 39 -0.02 -0.50 -17.96
C ASP A 39 -0.61 -1.87 -18.31
N LYS A 40 -0.36 -2.83 -17.41
CA LYS A 40 -0.75 -4.23 -17.56
C LYS A 40 -2.20 -4.59 -17.44
N LEU A 41 -3.06 -3.65 -17.13
CA LEU A 41 -4.48 -4.00 -17.02
C LEU A 41 -5.03 -4.24 -18.42
N THR A 42 -6.30 -4.61 -18.46
CA THR A 42 -7.00 -4.81 -19.71
C THR A 42 -8.44 -4.41 -19.41
N GLN A 43 -9.14 -3.88 -20.41
CA GLN A 43 -10.51 -3.41 -20.24
C GLN A 43 -10.39 -2.25 -19.27
N ALA A 44 -9.24 -1.59 -19.32
CA ALA A 44 -8.93 -0.48 -18.43
C ALA A 44 -9.87 0.69 -18.62
N GLN A 45 -10.44 1.16 -17.52
CA GLN A 45 -11.34 2.30 -17.51
C GLN A 45 -10.78 3.21 -16.44
N ILE A 46 -10.11 4.26 -16.87
CA ILE A 46 -9.49 5.20 -15.96
C ILE A 46 -10.49 6.19 -15.37
N PHE A 47 -10.30 6.55 -14.10
CA PHE A 47 -11.14 7.53 -13.39
C PHE A 47 -10.24 8.53 -12.69
N ASP A 48 -10.45 9.81 -12.97
CA ASP A 48 -9.66 10.88 -12.36
C ASP A 48 -10.18 11.06 -10.94
N TYR A 49 -9.31 11.02 -9.94
CA TYR A 49 -9.74 11.14 -8.53
C TYR A 49 -10.82 12.19 -8.38
N SER A 50 -10.46 13.37 -8.83
CA SER A 50 -11.31 14.52 -8.79
C SER A 50 -12.71 14.32 -9.33
N GLU A 51 -12.89 13.54 -10.39
CA GLU A 51 -14.22 13.32 -10.98
C GLU A 51 -15.18 12.52 -10.09
N ILE A 52 -14.62 11.79 -9.14
CA ILE A 52 -15.39 10.96 -8.25
C ILE A 52 -15.86 11.78 -7.07
N PRO A 53 -17.17 11.75 -6.74
CA PRO A 53 -17.86 12.45 -5.66
C PRO A 53 -17.17 12.97 -4.39
N ASN A 54 -16.63 12.11 -3.53
CA ASN A 54 -15.99 12.61 -2.29
C ASN A 54 -14.52 12.27 -2.22
N PHE A 55 -13.97 11.83 -3.33
CA PHE A 55 -12.60 11.41 -3.41
C PHE A 55 -11.59 12.51 -3.19
N PRO A 56 -10.72 12.34 -2.18
CA PRO A 56 -9.70 13.34 -1.92
C PRO A 56 -8.86 13.53 -3.17
N ARG A 57 -8.81 14.74 -3.72
CA ARG A 57 -7.96 15.00 -4.91
C ARG A 57 -6.50 14.79 -4.46
N SER A 58 -5.53 15.10 -5.32
CA SER A 58 -4.13 14.92 -4.91
C SER A 58 -3.26 16.13 -5.19
N THR A 59 -3.75 17.31 -4.81
CA THR A 59 -3.03 18.57 -5.02
C THR A 59 -2.92 18.87 -6.53
N VAL A 60 -1.93 19.70 -6.91
CA VAL A 60 -1.71 20.03 -8.32
C VAL A 60 -0.81 18.98 -8.97
N PRO A 61 0.19 18.47 -8.22
CA PRO A 61 1.07 17.44 -8.78
C PRO A 61 0.44 16.06 -8.88
N GLY A 62 -0.87 15.97 -8.70
CA GLY A 62 -1.58 14.71 -8.78
C GLY A 62 -1.70 14.21 -10.21
N HIS A 63 -0.58 14.30 -10.94
CA HIS A 63 -0.48 13.89 -12.35
C HIS A 63 -0.84 12.40 -12.40
N ALA A 64 -0.14 11.60 -11.60
CA ALA A 64 -0.42 10.18 -11.50
C ALA A 64 -1.47 10.17 -10.39
N GLY A 65 -2.58 10.88 -10.63
CA GLY A 65 -3.65 10.95 -9.65
C GLY A 65 -4.93 10.32 -10.19
N ARG A 66 -4.90 9.02 -10.41
CA ARG A 66 -6.07 8.32 -10.96
C ARG A 66 -6.34 6.93 -10.43
N LEU A 67 -7.59 6.54 -10.55
CA LEU A 67 -8.07 5.25 -10.09
C LEU A 67 -8.42 4.46 -11.35
N VAL A 68 -7.54 3.55 -11.76
CA VAL A 68 -7.75 2.74 -12.96
C VAL A 68 -8.50 1.42 -12.69
N PHE A 69 -9.45 1.09 -13.56
CA PHE A 69 -10.23 -0.14 -13.44
C PHE A 69 -9.86 -1.10 -14.59
N GLY A 70 -9.90 -2.40 -14.33
CA GLY A 70 -9.57 -3.35 -15.37
C GLY A 70 -9.42 -4.76 -14.85
N PHE A 71 -8.74 -5.59 -15.64
CA PHE A 71 -8.46 -7.00 -15.33
C PHE A 71 -6.97 -7.18 -15.38
N LEU A 72 -6.42 -7.93 -14.45
CA LEU A 72 -4.98 -8.18 -14.44
C LEU A 72 -4.76 -9.66 -14.13
N ASN A 73 -3.99 -10.31 -15.03
CA ASN A 73 -3.62 -11.71 -14.92
C ASN A 73 -4.72 -12.62 -14.38
N GLY A 74 -5.98 -12.24 -14.60
CA GLY A 74 -7.09 -13.07 -14.14
C GLY A 74 -8.16 -12.49 -13.21
N ARG A 75 -7.80 -11.45 -12.46
CA ARG A 75 -8.74 -10.83 -11.52
C ARG A 75 -9.09 -9.45 -11.99
N ALA A 76 -10.30 -9.01 -11.63
CA ALA A 76 -10.80 -7.68 -11.96
C ALA A 76 -10.37 -6.72 -10.84
N CYS A 77 -9.22 -6.10 -11.05
CA CYS A 77 -8.64 -5.17 -10.08
C CYS A 77 -9.27 -3.80 -10.14
N VAL A 78 -8.68 -2.89 -9.36
CA VAL A 78 -9.00 -1.45 -9.28
C VAL A 78 -7.73 -0.91 -8.68
N MET A 79 -6.99 -0.14 -9.45
CA MET A 79 -5.71 0.36 -8.96
C MET A 79 -5.67 1.83 -8.66
N MET A 80 -4.88 2.14 -7.64
CA MET A 80 -4.68 3.48 -7.20
C MET A 80 -3.29 3.88 -7.67
N GLN A 81 -3.20 4.73 -8.68
CA GLN A 81 -1.88 5.15 -9.10
C GLN A 81 -1.68 6.48 -8.42
N GLY A 82 -0.69 6.56 -7.57
CA GLY A 82 -0.46 7.79 -6.85
C GLY A 82 -1.43 7.94 -5.68
N ARG A 83 -0.94 7.63 -4.49
CA ARG A 83 -1.72 7.70 -3.29
C ARG A 83 -1.55 9.03 -2.52
N PHE A 84 -2.20 9.09 -1.36
CA PHE A 84 -2.16 10.25 -0.49
C PHE A 84 -1.32 9.89 0.69
N HIS A 85 -0.54 10.85 1.16
CA HIS A 85 0.34 10.66 2.31
C HIS A 85 -0.04 11.62 3.41
N MET A 86 0.32 11.27 4.64
CA MET A 86 0.03 12.12 5.77
C MET A 86 0.83 13.39 5.48
N TYR A 87 2.12 13.23 5.20
CA TYR A 87 2.97 14.39 4.95
C TYR A 87 2.55 15.45 3.94
N GLU A 88 1.46 15.26 3.22
CA GLU A 88 1.06 16.28 2.26
C GLU A 88 -0.17 17.05 2.73
N GLY A 89 -0.57 16.78 3.99
CA GLY A 89 -1.69 17.48 4.56
C GLY A 89 -2.95 16.69 4.76
N TYR A 90 -3.04 15.54 4.14
CA TYR A 90 -4.24 14.76 4.29
C TYR A 90 -4.45 14.19 5.66
N PRO A 91 -5.60 14.49 6.27
CA PRO A 91 -5.79 13.90 7.59
C PRO A 91 -5.93 12.44 7.20
N LEU A 92 -5.61 11.53 8.09
CA LEU A 92 -5.71 10.11 7.76
C LEU A 92 -7.09 9.58 7.30
N TRP A 93 -8.17 10.31 7.52
CA TRP A 93 -9.47 9.82 7.09
C TRP A 93 -9.74 10.21 5.65
N LYS A 94 -8.72 10.78 5.00
CA LYS A 94 -8.79 11.17 3.58
C LYS A 94 -7.81 10.27 2.90
N VAL A 95 -6.69 10.05 3.57
CA VAL A 95 -5.65 9.18 3.08
C VAL A 95 -6.30 7.83 2.82
N THR A 96 -6.98 7.30 3.83
CA THR A 96 -7.62 6.00 3.74
C THR A 96 -9.06 5.88 3.24
N PHE A 97 -9.62 6.97 2.76
CA PHE A 97 -10.97 6.95 2.24
C PHE A 97 -11.11 5.85 1.13
N PRO A 98 -10.16 5.75 0.19
CA PRO A 98 -10.28 4.73 -0.84
C PRO A 98 -10.56 3.39 -0.23
N VAL A 99 -9.70 2.89 0.65
CA VAL A 99 -9.95 1.57 1.23
C VAL A 99 -11.40 1.30 1.68
N ARG A 100 -12.12 2.31 2.13
CA ARG A 100 -13.50 2.12 2.55
C ARG A 100 -14.33 1.98 1.32
N VAL A 101 -14.06 2.80 0.30
CA VAL A 101 -14.86 2.71 -0.92
C VAL A 101 -14.60 1.41 -1.68
N PHE A 102 -13.35 0.95 -1.70
CA PHE A 102 -12.98 -0.30 -2.37
C PHE A 102 -13.74 -1.43 -1.70
N HIS A 103 -13.96 -1.29 -0.40
CA HIS A 103 -14.71 -2.28 0.37
C HIS A 103 -16.15 -2.34 -0.13
N LEU A 104 -16.87 -1.21 -0.04
CA LEU A 104 -18.26 -1.15 -0.49
C LEU A 104 -18.37 -1.51 -1.97
N LEU A 105 -17.32 -1.23 -2.75
CA LEU A 105 -17.30 -1.55 -4.17
C LEU A 105 -17.27 -3.07 -4.34
N GLY A 106 -16.94 -3.78 -3.28
CA GLY A 106 -16.90 -5.23 -3.33
C GLY A 106 -15.54 -5.87 -3.11
N VAL A 107 -14.47 -5.09 -3.11
CA VAL A 107 -13.11 -5.62 -2.90
C VAL A 107 -13.04 -6.50 -1.65
N ASP A 108 -12.13 -7.47 -1.67
CA ASP A 108 -11.95 -8.36 -0.54
C ASP A 108 -10.48 -8.65 -0.36
N THR A 109 -9.65 -7.94 -1.11
CA THR A 109 -8.23 -8.14 -0.99
C THR A 109 -7.58 -6.81 -1.37
N LEU A 110 -6.50 -6.46 -0.68
CA LEU A 110 -5.78 -5.23 -0.95
C LEU A 110 -4.31 -5.60 -0.92
N VAL A 111 -3.63 -5.33 -2.03
CA VAL A 111 -2.20 -5.57 -2.11
C VAL A 111 -1.61 -4.18 -2.22
N VAL A 112 -1.06 -3.70 -1.10
CA VAL A 112 -0.48 -2.37 -0.98
C VAL A 112 1.03 -2.37 -1.18
N THR A 113 1.52 -1.44 -1.99
CA THR A 113 2.96 -1.36 -2.25
C THR A 113 3.50 0.04 -1.94
N ASN A 114 4.79 0.09 -1.67
CA ASN A 114 5.44 1.33 -1.34
C ASN A 114 6.94 1.14 -1.50
N ALA A 115 7.65 2.26 -1.59
CA ALA A 115 9.10 2.27 -1.68
C ALA A 115 9.40 2.63 -0.23
N ALA A 116 10.47 2.08 0.30
CA ALA A 116 10.79 2.33 1.70
C ALA A 116 12.28 2.32 1.81
N GLY A 117 12.79 2.83 2.93
CA GLY A 117 14.23 2.87 3.13
C GLY A 117 14.67 1.58 3.74
N GLY A 118 15.93 1.22 3.52
CA GLY A 118 16.46 -0.03 4.05
C GLY A 118 17.14 0.19 5.38
N LEU A 119 16.65 -0.49 6.41
CA LEU A 119 17.24 -0.35 7.72
C LEU A 119 18.01 -1.64 7.98
N ASN A 120 17.39 -2.77 7.68
CA ASN A 120 18.09 -4.03 7.87
C ASN A 120 19.30 -4.01 6.89
N PRO A 121 20.52 -4.19 7.42
CA PRO A 121 21.72 -4.19 6.58
C PRO A 121 21.68 -5.30 5.54
N LYS A 122 21.08 -6.43 5.90
CA LYS A 122 20.96 -7.55 4.98
C LYS A 122 20.24 -7.09 3.73
N PHE A 123 19.49 -5.99 3.83
CA PHE A 123 18.79 -5.48 2.69
C PHE A 123 19.82 -4.76 1.86
N GLU A 124 19.59 -4.72 0.57
CA GLU A 124 20.48 -4.06 -0.37
C GLU A 124 19.48 -3.35 -1.26
N VAL A 125 19.82 -2.19 -1.76
CA VAL A 125 18.87 -1.47 -2.57
C VAL A 125 18.37 -2.34 -3.72
N GLY A 126 17.24 -1.98 -4.28
CA GLY A 126 16.70 -2.78 -5.37
C GLY A 126 15.87 -3.91 -4.77
N ASP A 127 16.29 -4.41 -3.61
CA ASP A 127 15.59 -5.48 -2.90
C ASP A 127 14.10 -5.26 -2.83
N ILE A 128 13.38 -6.33 -2.59
CA ILE A 128 11.94 -6.26 -2.43
C ILE A 128 11.71 -6.95 -1.10
N MET A 129 10.94 -6.30 -0.23
CA MET A 129 10.65 -6.83 1.09
C MET A 129 9.16 -7.14 1.28
N LEU A 130 8.89 -8.26 1.95
CA LEU A 130 7.54 -8.70 2.22
C LEU A 130 7.15 -8.15 3.58
N ILE A 131 6.12 -7.33 3.64
CA ILE A 131 5.71 -6.81 4.91
C ILE A 131 4.97 -7.92 5.69
N ARG A 132 5.66 -8.46 6.69
CA ARG A 132 5.12 -9.51 7.56
C ARG A 132 4.48 -8.83 8.78
N ASP A 133 4.92 -7.60 9.06
CA ASP A 133 4.44 -6.84 10.22
C ASP A 133 4.76 -5.36 10.00
N HIS A 134 4.20 -4.51 10.85
CA HIS A 134 4.41 -3.07 10.79
C HIS A 134 4.41 -2.46 12.19
N ILE A 135 5.02 -1.30 12.36
CA ILE A 135 5.04 -0.58 13.63
C ILE A 135 4.40 0.75 13.31
N ASN A 136 3.20 0.96 13.83
CA ASN A 136 2.44 2.16 13.53
C ASN A 136 2.80 3.31 14.41
N LEU A 137 4.00 3.86 14.23
CA LEU A 137 4.42 5.00 15.04
C LEU A 137 3.38 6.13 15.19
N PRO A 138 2.90 6.75 14.09
CA PRO A 138 1.90 7.80 14.28
C PRO A 138 0.74 7.30 15.13
N GLY A 139 0.29 6.09 14.84
CA GLY A 139 -0.80 5.52 15.60
C GLY A 139 -0.60 5.51 17.11
N PHE A 140 0.62 5.30 17.58
CA PHE A 140 0.92 5.29 19.02
C PHE A 140 0.53 6.64 19.61
N SER A 141 0.86 7.70 18.88
CA SER A 141 0.59 9.06 19.30
C SER A 141 -0.77 9.59 18.92
N GLY A 142 -1.70 8.70 18.55
CA GLY A 142 -3.05 9.14 18.19
C GLY A 142 -3.38 9.19 16.71
N GLN A 143 -2.35 9.15 15.87
CA GLN A 143 -2.53 9.21 14.42
C GLN A 143 -2.91 7.88 13.84
N ASN A 144 -4.15 7.49 14.16
CA ASN A 144 -4.76 6.24 13.72
C ASN A 144 -6.00 6.58 12.92
N PRO A 145 -6.15 5.98 11.73
CA PRO A 145 -7.30 6.26 10.87
C PRO A 145 -8.64 5.87 11.44
N LEU A 146 -8.64 5.11 12.51
CA LEU A 146 -9.89 4.69 13.15
C LEU A 146 -10.32 5.58 14.31
N ARG A 147 -9.68 6.73 14.49
CA ARG A 147 -10.02 7.62 15.59
C ARG A 147 -11.38 8.26 15.34
N GLY A 148 -12.24 8.28 16.34
CA GLY A 148 -13.54 8.88 16.15
C GLY A 148 -14.55 7.80 16.36
N PRO A 149 -15.82 8.11 16.16
CA PRO A 149 -16.89 7.12 16.33
C PRO A 149 -16.69 5.99 15.34
N ASN A 150 -16.94 4.77 15.79
CA ASN A 150 -16.78 3.57 14.96
C ASN A 150 -18.09 3.19 14.31
N ASP A 151 -18.01 2.68 13.09
CA ASP A 151 -19.22 2.28 12.37
C ASP A 151 -19.24 0.78 12.34
N GLU A 152 -20.18 0.18 13.06
CA GLU A 152 -20.27 -1.26 13.08
C GLU A 152 -20.73 -1.84 11.75
N ARG A 153 -20.90 -0.98 10.75
CA ARG A 153 -21.27 -1.39 9.39
C ARG A 153 -19.98 -1.64 8.64
N PHE A 154 -18.90 -1.13 9.20
CA PHE A 154 -17.59 -1.31 8.62
C PHE A 154 -16.81 -2.28 9.47
N GLY A 155 -16.84 -2.13 10.78
CA GLY A 155 -16.08 -3.05 11.61
C GLY A 155 -16.19 -2.83 13.11
N ASP A 156 -15.29 -3.48 13.85
CA ASP A 156 -15.29 -3.38 15.29
C ASP A 156 -14.52 -2.19 15.78
N ARG A 157 -14.87 -1.75 17.00
CA ARG A 157 -14.22 -0.64 17.66
C ARG A 157 -12.73 -0.94 17.79
N PHE A 158 -12.41 -2.06 18.42
CA PHE A 158 -11.03 -2.44 18.66
C PHE A 158 -10.55 -3.59 17.76
N PRO A 159 -10.29 -3.32 16.47
CA PRO A 159 -9.84 -4.45 15.65
C PRO A 159 -8.40 -4.84 15.97
N ALA A 160 -8.11 -6.13 16.01
CA ALA A 160 -6.78 -6.62 16.28
C ALA A 160 -5.98 -6.49 15.02
N MET A 161 -4.68 -6.15 15.14
CA MET A 161 -3.81 -6.07 13.97
C MET A 161 -2.78 -7.18 14.05
N SER A 162 -2.81 -7.95 15.15
CA SER A 162 -1.91 -9.08 15.41
C SER A 162 -1.70 -9.75 14.08
N ASP A 163 -2.81 -9.92 13.34
CA ASP A 163 -2.86 -10.48 11.98
C ASP A 163 -3.27 -9.28 11.11
N ALA A 164 -2.81 -9.24 9.87
CA ALA A 164 -3.17 -8.14 9.00
C ALA A 164 -2.62 -8.50 7.67
N TYR A 165 -1.33 -8.80 7.69
CA TYR A 165 -0.60 -9.18 6.52
C TYR A 165 -0.78 -10.69 6.37
N ASP A 166 -1.84 -11.04 5.65
CA ASP A 166 -2.22 -12.43 5.40
C ASP A 166 -1.05 -13.40 5.26
N ARG A 167 -1.12 -14.46 6.07
CA ARG A 167 -0.10 -15.54 6.14
C ARG A 167 0.01 -16.39 4.88
N THR A 168 -1.12 -16.93 4.44
CA THR A 168 -1.10 -17.75 3.25
C THR A 168 -0.55 -16.98 2.06
N MET A 169 -1.04 -15.77 1.86
CA MET A 169 -0.57 -14.96 0.75
C MET A 169 0.93 -14.74 0.85
N ARG A 170 1.49 -14.90 2.04
CA ARG A 170 2.94 -14.72 2.16
C ARG A 170 3.66 -15.99 1.73
N GLN A 171 3.04 -17.16 2.00
CA GLN A 171 3.61 -18.44 1.59
C GLN A 171 3.73 -18.34 0.08
N ARG A 172 2.58 -18.08 -0.54
CA ARG A 172 2.43 -17.93 -1.97
C ARG A 172 3.36 -16.92 -2.62
N ALA A 173 3.79 -15.94 -1.85
CA ALA A 173 4.66 -14.93 -2.40
C ALA A 173 6.08 -15.48 -2.36
N LEU A 174 6.45 -16.02 -1.20
CA LEU A 174 7.78 -16.58 -1.04
C LEU A 174 7.97 -17.62 -2.14
N SER A 175 6.94 -18.45 -2.27
CA SER A 175 6.89 -19.54 -3.26
C SER A 175 6.93 -19.07 -4.73
N THR A 176 6.06 -18.12 -5.11
CA THR A 176 6.02 -17.59 -6.48
C THR A 176 7.38 -17.01 -6.87
N TRP A 177 8.08 -16.45 -5.89
CA TRP A 177 9.40 -15.87 -6.14
C TRP A 177 10.33 -17.00 -6.53
N LYS A 178 10.31 -18.05 -5.71
CA LYS A 178 11.13 -19.24 -5.94
C LYS A 178 10.73 -19.89 -7.28
N GLN A 179 9.45 -19.82 -7.63
CA GLN A 179 8.94 -20.37 -8.89
C GLN A 179 9.63 -19.62 -10.03
N MET A 180 9.74 -18.31 -9.90
CA MET A 180 10.42 -17.51 -10.91
C MET A 180 11.90 -17.77 -10.75
N GLY A 181 12.25 -18.48 -9.67
CA GLY A 181 13.64 -18.80 -9.35
C GLY A 181 14.50 -17.57 -9.43
N GLU A 182 13.93 -16.45 -9.01
CA GLU A 182 14.59 -15.18 -9.07
C GLU A 182 15.97 -15.03 -8.44
N GLN A 183 16.73 -14.13 -9.06
CA GLN A 183 18.07 -13.77 -8.62
C GLN A 183 17.82 -12.74 -7.51
N ARG A 184 18.19 -13.11 -6.28
CA ARG A 184 18.01 -12.30 -5.06
C ARG A 184 16.71 -12.76 -4.43
N GLU A 185 16.72 -13.08 -3.14
CA GLU A 185 15.51 -13.57 -2.47
C GLU A 185 14.52 -12.47 -2.07
N LEU A 186 13.26 -12.89 -1.95
CA LEU A 186 12.13 -12.05 -1.58
C LEU A 186 12.27 -11.77 -0.10
N GLN A 187 12.89 -10.64 0.22
CA GLN A 187 13.08 -10.27 1.61
C GLN A 187 11.74 -10.24 2.36
N GLU A 188 11.80 -10.38 3.68
CA GLU A 188 10.61 -10.34 4.52
C GLU A 188 11.07 -9.71 5.83
N GLY A 189 10.20 -8.90 6.43
CA GLY A 189 10.54 -8.23 7.68
C GLY A 189 9.47 -7.25 8.12
N THR A 190 9.75 -6.46 9.18
CA THR A 190 8.83 -5.46 9.76
C THR A 190 8.94 -4.05 9.16
N TYR A 191 7.82 -3.47 8.74
CA TYR A 191 7.82 -2.13 8.14
C TYR A 191 7.35 -1.06 9.12
N VAL A 192 8.16 -0.01 9.31
CA VAL A 192 7.86 1.10 10.25
C VAL A 192 7.39 2.41 9.59
N MET A 193 6.20 2.89 9.95
CA MET A 193 5.73 4.15 9.37
C MET A 193 6.17 5.32 10.19
N VAL A 194 6.71 6.30 9.50
CA VAL A 194 7.20 7.52 10.08
C VAL A 194 6.56 8.51 9.14
N ALA A 195 5.98 9.57 9.67
CA ALA A 195 5.27 10.55 8.87
C ALA A 195 6.06 11.55 8.10
N GLY A 196 6.69 12.45 8.86
CA GLY A 196 7.48 13.58 8.36
C GLY A 196 7.93 13.48 6.92
N PRO A 197 7.90 14.59 6.16
CA PRO A 197 8.36 14.43 4.78
C PRO A 197 9.87 14.36 4.71
N SER A 198 10.55 14.97 5.67
CA SER A 198 12.02 14.96 5.67
C SER A 198 12.54 13.54 5.87
N PHE A 199 13.82 13.30 5.60
CA PHE A 199 14.36 11.95 5.78
C PHE A 199 15.04 11.78 7.11
N GLU A 200 14.99 10.56 7.64
CA GLU A 200 15.56 10.24 8.95
C GLU A 200 17.00 10.63 9.16
N THR A 201 17.32 11.06 10.37
CA THR A 201 18.69 11.41 10.68
C THR A 201 19.35 10.11 11.13
N VAL A 202 20.65 10.14 11.35
CA VAL A 202 21.39 8.95 11.79
C VAL A 202 21.07 8.57 13.23
N ALA A 203 20.53 9.51 14.01
CA ALA A 203 20.15 9.22 15.38
C ALA A 203 18.78 8.59 15.30
N GLU A 204 17.98 9.02 14.33
CA GLU A 204 16.65 8.49 14.13
C GLU A 204 16.72 7.08 13.57
N CYS A 205 17.52 6.88 12.53
CA CYS A 205 17.68 5.55 11.96
C CYS A 205 18.03 4.56 13.03
N ARG A 206 19.01 4.89 13.89
CA ARG A 206 19.39 3.96 14.96
C ARG A 206 18.26 3.56 15.92
N VAL A 207 17.34 4.46 16.23
CA VAL A 207 16.27 4.08 17.15
C VAL A 207 15.30 3.12 16.47
N LEU A 208 15.10 3.33 15.18
CA LEU A 208 14.20 2.46 14.40
C LEU A 208 14.81 1.08 14.32
N GLN A 209 16.11 1.02 14.08
CA GLN A 209 16.83 -0.24 14.01
C GLN A 209 16.64 -1.01 15.31
N LYS A 210 16.96 -0.39 16.45
CA LYS A 210 16.79 -1.10 17.71
C LYS A 210 15.32 -1.39 17.93
N LEU A 211 14.45 -0.52 17.42
CA LEU A 211 12.99 -0.67 17.56
C LEU A 211 12.45 -1.91 16.86
N GLY A 212 13.25 -2.52 15.99
CA GLY A 212 12.80 -3.72 15.30
C GLY A 212 12.44 -3.56 13.83
N ALA A 213 12.35 -2.33 13.36
CA ALA A 213 12.01 -2.08 11.96
C ALA A 213 13.08 -2.60 11.02
N ASP A 214 12.67 -2.85 9.78
CA ASP A 214 13.57 -3.32 8.74
C ASP A 214 13.55 -2.35 7.58
N ALA A 215 12.38 -1.86 7.24
CA ALA A 215 12.26 -0.88 6.19
C ALA A 215 11.47 0.24 6.83
N VAL A 216 11.71 1.48 6.43
CA VAL A 216 10.97 2.63 6.97
C VAL A 216 10.31 3.34 5.82
N GLY A 217 9.13 3.90 6.04
CA GLY A 217 8.43 4.58 4.98
C GLY A 217 7.41 5.54 5.52
N MET A 218 6.64 6.19 4.67
CA MET A 218 5.66 7.17 5.12
C MET A 218 4.19 6.95 4.71
N SER A 219 3.74 5.70 4.60
CA SER A 219 2.36 5.39 4.21
C SER A 219 2.05 3.91 4.41
N THR A 220 1.03 3.40 3.72
CA THR A 220 0.66 1.99 3.76
C THR A 220 -0.13 1.60 5.02
N VAL A 221 0.49 1.79 6.18
CA VAL A 221 -0.17 1.48 7.43
C VAL A 221 -1.62 1.99 7.53
N PRO A 222 -1.87 3.30 7.27
CA PRO A 222 -3.27 3.72 7.35
C PRO A 222 -4.22 2.88 6.46
N GLU A 223 -3.75 2.47 5.28
CA GLU A 223 -4.56 1.69 4.36
C GLU A 223 -4.63 0.24 4.81
N VAL A 224 -3.53 -0.28 5.35
CA VAL A 224 -3.48 -1.64 5.85
C VAL A 224 -4.55 -1.70 6.96
N ILE A 225 -4.34 -0.88 7.98
CA ILE A 225 -5.26 -0.82 9.09
C ILE A 225 -6.73 -0.71 8.72
N VAL A 226 -7.15 0.34 8.02
CA VAL A 226 -8.59 0.44 7.72
C VAL A 226 -9.16 -0.69 6.88
N ALA A 227 -8.30 -1.36 6.12
CA ALA A 227 -8.71 -2.48 5.28
C ALA A 227 -9.11 -3.62 6.19
N ARG A 228 -8.20 -3.98 7.09
CA ARG A 228 -8.42 -5.03 8.06
C ARG A 228 -9.68 -4.70 8.84
N HIS A 229 -9.88 -3.44 9.18
CA HIS A 229 -11.08 -3.06 9.93
C HIS A 229 -12.31 -3.50 9.18
N CYS A 230 -12.21 -3.48 7.87
CA CYS A 230 -13.28 -3.86 6.98
C CYS A 230 -13.41 -5.36 6.81
N GLY A 231 -12.28 -6.04 6.95
CA GLY A 231 -12.27 -7.49 6.77
C GLY A 231 -11.58 -7.85 5.46
N LEU A 232 -10.78 -6.95 4.91
CA LEU A 232 -10.10 -7.22 3.67
C LEU A 232 -8.86 -8.03 3.93
N ARG A 233 -8.51 -8.84 2.94
CA ARG A 233 -7.31 -9.67 2.99
C ARG A 233 -6.24 -8.63 2.71
N VAL A 234 -5.09 -8.73 3.35
CA VAL A 234 -4.05 -7.75 3.10
C VAL A 234 -2.66 -8.36 3.04
N PHE A 235 -1.84 -7.91 2.10
CA PHE A 235 -0.43 -8.31 2.02
C PHE A 235 0.29 -7.23 1.23
N GLY A 236 1.59 -7.09 1.43
CA GLY A 236 2.27 -6.05 0.69
C GLY A 236 3.78 -6.17 0.65
N PHE A 237 4.41 -5.40 -0.21
CA PHE A 237 5.85 -5.43 -0.38
C PHE A 237 6.33 -3.99 -0.31
N SER A 238 7.63 -3.83 -0.12
CA SER A 238 8.28 -2.54 -0.08
C SER A 238 9.45 -2.64 -1.04
N LEU A 239 9.65 -1.60 -1.85
CA LEU A 239 10.78 -1.54 -2.78
C LEU A 239 11.91 -0.74 -2.09
N ILE A 240 12.89 -1.44 -1.53
CA ILE A 240 13.98 -0.76 -0.85
C ILE A 240 14.65 0.14 -1.86
N THR A 241 14.39 1.44 -1.79
CA THR A 241 14.99 2.38 -2.73
C THR A 241 16.31 2.95 -2.25
N ASN A 242 16.62 2.78 -0.98
CA ASN A 242 17.88 3.30 -0.50
C ASN A 242 18.17 2.78 0.88
N LYS A 243 19.44 2.53 1.14
CA LYS A 243 19.85 2.04 2.46
C LYS A 243 19.92 3.25 3.38
N VAL A 244 19.43 3.09 4.60
CA VAL A 244 19.41 4.17 5.56
C VAL A 244 20.74 4.24 6.29
N ILE A 245 21.28 5.45 6.36
CA ILE A 245 22.57 5.77 7.01
C ILE A 245 22.73 5.42 8.51
N MET A 246 23.93 5.65 9.03
CA MET A 246 24.30 5.42 10.44
C MET A 246 25.58 6.24 10.76
N ASP A 247 25.51 7.03 11.83
CA ASP A 247 26.59 7.95 12.28
C ASP A 247 28.04 7.58 11.95
N TYR A 248 28.81 7.19 12.97
CA TYR A 248 30.24 6.81 12.86
C TYR A 248 31.07 7.86 12.08
N GLU A 249 30.81 7.97 10.78
CA GLU A 249 31.44 8.92 9.87
C GLU A 249 31.00 8.45 8.50
N SER A 250 30.00 9.11 7.94
CA SER A 250 29.50 8.72 6.63
C SER A 250 29.96 9.68 5.53
N LEU A 251 29.37 9.52 4.34
CA LEU A 251 29.68 10.34 3.18
C LEU A 251 28.45 10.51 2.27
N GLU A 252 27.43 9.72 2.53
CA GLU A 252 26.19 9.79 1.78
C GLU A 252 25.08 10.29 2.70
N LYS A 253 23.84 10.33 2.20
CA LYS A 253 22.73 10.80 3.04
C LYS A 253 21.33 10.23 2.76
N ALA A 254 20.79 10.52 1.57
CA ALA A 254 19.46 10.10 1.08
C ALA A 254 18.84 11.21 0.25
N ASN A 255 18.40 10.87 -0.95
CA ASN A 255 17.80 11.85 -1.86
C ASN A 255 16.67 11.18 -2.63
N HIS A 256 15.78 11.98 -3.19
CA HIS A 256 14.65 11.42 -3.95
C HIS A 256 15.08 10.94 -5.34
N GLU A 257 16.25 11.38 -5.79
CA GLU A 257 16.77 10.96 -7.09
C GLU A 257 16.91 9.45 -7.01
N GLU A 258 17.05 8.94 -5.79
CA GLU A 258 17.13 7.50 -5.55
C GLU A 258 15.83 6.83 -6.02
N VAL A 259 14.87 7.64 -6.49
CA VAL A 259 13.62 7.11 -7.04
C VAL A 259 13.95 6.39 -8.35
N LEU A 260 15.15 6.66 -8.91
CA LEU A 260 15.63 5.99 -10.14
C LEU A 260 15.33 4.51 -9.91
N ALA A 261 15.43 4.11 -8.65
CA ALA A 261 15.15 2.76 -8.22
C ALA A 261 13.71 2.45 -8.66
N ALA A 262 12.79 3.26 -8.17
CA ALA A 262 11.38 3.13 -8.50
C ALA A 262 11.17 3.51 -9.98
N GLY A 263 11.49 2.58 -10.86
CA GLY A 263 11.37 2.84 -12.27
C GLY A 263 12.38 1.94 -12.96
N LYS A 264 13.47 1.63 -12.27
CA LYS A 264 14.49 0.75 -12.81
C LYS A 264 13.88 -0.65 -12.79
N GLN A 265 14.60 -1.63 -13.36
CA GLN A 265 14.11 -3.01 -13.40
C GLN A 265 13.34 -3.35 -12.15
N ALA A 266 13.90 -2.97 -11.00
CA ALA A 266 13.31 -3.22 -9.68
C ALA A 266 11.83 -2.95 -9.72
N ALA A 267 11.48 -1.77 -10.21
CA ALA A 267 10.09 -1.37 -10.31
C ALA A 267 9.32 -2.42 -11.06
N GLN A 268 9.66 -2.59 -12.33
CA GLN A 268 8.97 -3.54 -13.19
C GLN A 268 9.23 -5.01 -12.81
N LYS A 269 10.08 -5.21 -11.82
CA LYS A 269 10.36 -6.55 -11.34
C LYS A 269 9.19 -6.82 -10.40
N LEU A 270 8.91 -5.89 -9.48
CA LEU A 270 7.78 -6.07 -8.57
C LEU A 270 6.48 -6.11 -9.35
N GLU A 271 6.46 -5.43 -10.49
CA GLU A 271 5.26 -5.43 -11.32
C GLU A 271 4.91 -6.79 -11.90
N GLN A 272 5.93 -7.51 -12.39
CA GLN A 272 5.67 -8.85 -12.92
C GLN A 272 5.19 -9.67 -11.74
N PHE A 273 5.91 -9.54 -10.63
CA PHE A 273 5.60 -10.26 -9.41
C PHE A 273 4.14 -10.04 -9.10
N VAL A 274 3.77 -8.80 -8.77
CA VAL A 274 2.38 -8.47 -8.44
C VAL A 274 1.39 -9.00 -9.48
N SER A 275 1.78 -9.04 -10.75
CA SER A 275 0.90 -9.55 -11.79
C SER A 275 0.66 -11.06 -11.61
N ILE A 276 1.75 -11.81 -11.58
CA ILE A 276 1.65 -13.25 -11.43
C ILE A 276 0.92 -13.61 -10.14
N LEU A 277 1.16 -12.83 -9.09
CA LEU A 277 0.51 -13.07 -7.81
C LEU A 277 -1.02 -12.97 -7.86
N MET A 278 -1.57 -12.37 -8.91
CA MET A 278 -3.03 -12.27 -9.03
C MET A 278 -3.61 -13.66 -9.10
N ALA A 279 -2.82 -14.56 -9.68
CA ALA A 279 -3.18 -15.95 -9.84
C ALA A 279 -3.19 -16.71 -8.51
N SER A 280 -2.68 -16.08 -7.45
CA SER A 280 -2.66 -16.76 -6.17
C SER A 280 -3.59 -16.18 -5.12
N ILE A 281 -4.45 -15.25 -5.54
CA ILE A 281 -5.43 -14.63 -4.64
C ILE A 281 -6.74 -15.38 -4.86
N PRO A 282 -7.28 -16.01 -3.81
CA PRO A 282 -8.53 -16.76 -3.85
C PRO A 282 -9.68 -15.97 -4.49
N LEU A 283 -10.59 -16.65 -5.16
CA LEU A 283 -11.72 -15.98 -5.79
C LEU A 283 -12.88 -15.88 -4.80
N PRO A 284 -13.85 -15.00 -5.05
CA PRO A 284 -14.99 -14.88 -4.13
C PRO A 284 -15.89 -16.11 -4.21
N ASP A 285 -15.69 -16.91 -5.25
CA ASP A 285 -16.47 -18.12 -5.52
C ASP A 285 -16.28 -19.21 -4.45
N LYS A 286 -15.28 -19.00 -3.58
CA LYS A 286 -14.94 -19.97 -2.53
C LYS A 286 -14.66 -21.25 -3.33
N ALA A 287 -13.71 -21.08 -4.26
CA ALA A 287 -13.22 -22.06 -5.22
C ALA A 287 -13.20 -23.55 -4.87
N SER A 288 -14.06 -24.32 -5.56
CA SER A 288 -14.21 -25.78 -5.39
C SER A 288 -15.16 -26.38 -6.45
#